data_6JMD
#
_entry.id   6JMD
#
_cell.length_a   90.627
_cell.length_b   90.627
_cell.length_c   123.169
_cell.angle_alpha   90.00
_cell.angle_beta   90.00
_cell.angle_gamma   120.00
#
_symmetry.space_group_name_H-M   'P 32 2 1'
#
loop_
_entity.id
_entity.type
_entity.pdbx_description
1 polymer 'Dihydroorotate dehydrogenase (quinone), mitochondrial'
2 non-polymer 'FLAVIN MONONUCLEOTIDE'
3 non-polymer 'OROTIC ACID'
4 non-polymer 'SULFATE ION'
5 non-polymer 'ACETATE ION'
6 non-polymer 'LAURYL DIMETHYLAMINE-N-OXIDE'
7 non-polymer 3-[3,5-bis(fluoranyl)-4-[3-(hydroxymethyl)phenyl]phenyl]benzo[f]benzotriazole-4,9-dione
8 water water
#
_entity_poly.entity_id   1
_entity_poly.type   'polypeptide(L)'
_entity_poly.pdbx_seq_one_letter_code
;ATGDERFYAEHLMPTLQGLLDPESAHRLAVRFTSLGLLPRARFQDSDMLEVRVLGHKFRNPVGIAAGFDKHGEAVDGLYK
MGFGFVEIGSVTPKPQEGNPRPRVFRLPEDQAVINRYGFNSHGLSVVEHRLRARQQKQAKLTEDGLPLGVNLGKNKTSVD
AAEDYAEGVRVLGPLADYLVVNVSSPNTAGLRSLQGKAELRRLLTKVLQERDGLRRVHRPAVLVKIAPDLTSQDKEDIAS
VVKELGIDGLIVTNTTVSRPAGLQGALRSETGGLSGKPLRDLSTQTIREMYALTQGRVPIIGVGGVSSGQDALEKIRAGA
SLVQLYTALTFWGPPVVGKVKRELEALLKEQGFGGVTDAIGADHRR
;
_entity_poly.pdbx_strand_id   A
#
loop_
_chem_comp.id
_chem_comp.type
_chem_comp.name
_chem_comp.formula
ACT non-polymer 'ACETATE ION' 'C2 H3 O2 -1'
BVO non-polymer 3-[3,5-bis(fluoranyl)-4-[3-(hydroxymethyl)phenyl]phenyl]benzo[f]benzotriazole-4,9-dione 'C23 H13 F2 N3 O3'
FMN non-polymer 'FLAVIN MONONUCLEOTIDE' 'C17 H21 N4 O9 P'
LDA non-polymer 'LAURYL DIMETHYLAMINE-N-OXIDE' 'C14 H31 N O'
ORO non-polymer 'OROTIC ACID' 'C5 H4 N2 O4'
SO4 non-polymer 'SULFATE ION' 'O4 S -2'
#
# COMPACT_ATOMS: atom_id res chain seq x y z
N GLY A 3 2.97 23.31 -12.60
CA GLY A 3 4.29 23.78 -12.96
C GLY A 3 5.29 22.66 -13.04
N ASP A 4 5.68 22.14 -11.88
CA ASP A 4 6.57 20.98 -11.84
C ASP A 4 5.86 19.76 -12.40
N GLU A 5 4.54 19.73 -12.25
CA GLU A 5 3.74 18.59 -12.71
C GLU A 5 3.93 18.34 -14.20
N ARG A 6 3.78 19.40 -15.01
CA ARG A 6 3.92 19.28 -16.45
C ARG A 6 5.35 18.90 -16.87
N PHE A 7 6.33 19.52 -16.22
CA PHE A 7 7.73 19.23 -16.53
C PHE A 7 8.07 17.78 -16.29
N TYR A 8 7.75 17.30 -15.08
CA TYR A 8 7.96 15.89 -14.74
C TYR A 8 7.19 14.99 -15.69
N ALA A 9 5.90 15.29 -15.87
CA ALA A 9 4.99 14.43 -16.62
C ALA A 9 5.36 14.34 -18.11
N GLU A 10 5.69 15.48 -18.71
CA GLU A 10 5.86 15.55 -20.16
C GLU A 10 7.30 15.45 -20.63
N HIS A 11 8.25 15.65 -19.73
CA HIS A 11 9.66 15.73 -20.12
C HIS A 11 10.60 14.86 -19.27
N LEU A 12 10.68 15.14 -17.98
CA LEU A 12 11.64 14.43 -17.13
C LEU A 12 11.34 12.94 -17.03
N MET A 13 10.12 12.58 -16.66
CA MET A 13 9.78 11.18 -16.45
C MET A 13 9.86 10.36 -17.75
N PRO A 14 9.29 10.89 -18.86
CA PRO A 14 9.45 10.16 -20.12
C PRO A 14 10.91 9.94 -20.52
N THR A 15 11.78 10.85 -20.15
CA THR A 15 13.19 10.74 -20.48
C THR A 15 13.88 9.68 -19.62
N LEU A 16 13.57 9.65 -18.33
CA LEU A 16 14.11 8.63 -17.44
C LEU A 16 13.67 7.26 -17.92
N GLN A 17 12.39 7.14 -18.26
CA GLN A 17 11.83 5.88 -18.75
C GLN A 17 12.48 5.45 -20.06
N GLY A 18 12.82 6.43 -20.89
CA GLY A 18 13.43 6.16 -22.18
C GLY A 18 14.86 5.66 -22.04
N LEU A 19 15.52 6.05 -20.95
CA LEU A 19 16.92 5.72 -20.75
C LEU A 19 17.13 4.46 -19.91
N LEU A 20 16.21 4.20 -18.99
CA LEU A 20 16.42 3.15 -17.99
C LEU A 20 15.32 2.10 -18.02
N ASP A 21 15.71 0.86 -17.86
CA ASP A 21 14.74 -0.21 -17.66
C ASP A 21 14.03 0.06 -16.33
N PRO A 22 12.81 -0.46 -16.17
CA PRO A 22 12.01 -0.08 -15.00
C PRO A 22 12.66 -0.42 -13.66
N GLU A 23 13.34 -1.56 -13.55
CA GLU A 23 13.95 -1.90 -12.28
C GLU A 23 15.09 -0.94 -11.96
N SER A 24 15.93 -0.61 -12.93
CA SER A 24 16.99 0.38 -12.71
C SER A 24 16.41 1.75 -12.36
N ALA A 25 15.33 2.12 -13.04
CA ALA A 25 14.65 3.39 -12.77
C ALA A 25 14.12 3.40 -11.34
N HIS A 26 13.55 2.28 -10.92
CA HIS A 26 13.06 2.16 -9.54
C HIS A 26 14.18 2.36 -8.53
N ARG A 27 15.30 1.67 -8.74
CA ARG A 27 16.43 1.79 -7.83
C ARG A 27 16.93 3.22 -7.74
N LEU A 28 17.00 3.90 -8.88
CA LEU A 28 17.43 5.29 -8.92
C LEU A 28 16.45 6.17 -8.16
N ALA A 29 15.15 5.91 -8.36
CA ALA A 29 14.10 6.64 -7.67
C ALA A 29 14.24 6.52 -6.16
N VAL A 30 14.50 5.30 -5.69
CA VAL A 30 14.65 5.08 -4.25
C VAL A 30 15.89 5.84 -3.76
N ARG A 31 16.97 5.78 -4.52
CA ARG A 31 18.20 6.45 -4.09
C ARG A 31 17.99 7.96 -4.01
N PHE A 32 17.44 8.56 -5.06
CA PHE A 32 17.17 10.00 -5.06
C PHE A 32 16.25 10.40 -3.91
N THR A 33 15.23 9.58 -3.68
CA THR A 33 14.28 9.89 -2.61
C THR A 33 14.99 9.84 -1.27
N SER A 34 15.77 8.79 -1.05
CA SER A 34 16.45 8.61 0.24
C SER A 34 17.36 9.79 0.52
N LEU A 35 18.02 10.28 -0.52
CA LEU A 35 18.96 11.39 -0.38
C LEU A 35 18.25 12.76 -0.34
N GLY A 36 16.93 12.74 -0.44
CA GLY A 36 16.15 13.96 -0.39
C GLY A 36 16.28 14.81 -1.63
N LEU A 37 16.76 14.21 -2.72
CA LEU A 37 16.94 14.92 -3.99
C LEU A 37 15.60 15.13 -4.67
N LEU A 38 14.80 15.98 -4.03
CA LEU A 38 13.49 16.34 -4.54
C LEU A 38 13.09 17.59 -3.78
N PRO A 39 12.37 18.50 -4.46
CA PRO A 39 11.99 19.72 -3.75
C PRO A 39 10.94 19.41 -2.69
N ARG A 40 11.14 19.92 -1.47
CA ARG A 40 10.14 19.77 -0.43
C ARG A 40 8.80 20.27 -0.96
N ALA A 41 7.80 19.40 -0.93
CA ALA A 41 6.48 19.71 -1.47
C ALA A 41 5.97 21.03 -0.91
N ARG A 42 5.54 21.93 -1.81
CA ARG A 42 5.06 23.24 -1.42
C ARG A 42 3.64 23.19 -0.87
N PHE A 43 2.91 22.12 -1.20
CA PHE A 43 1.53 21.99 -0.75
C PHE A 43 1.44 21.83 0.76
N GLN A 44 0.69 22.73 1.39
CA GLN A 44 0.44 22.69 2.82
C GLN A 44 -0.90 22.01 3.09
N ASP A 45 -0.88 20.91 3.83
CA ASP A 45 -2.09 20.11 4.05
C ASP A 45 -3.10 20.91 4.87
N SER A 46 -4.30 21.07 4.31
CA SER A 46 -5.38 21.74 5.03
C SER A 46 -5.99 20.79 6.04
N ASP A 47 -6.71 21.35 7.01
CA ASP A 47 -7.37 20.56 8.03
C ASP A 47 -8.41 19.60 7.45
N MET A 48 -8.99 19.90 6.29
CA MET A 48 -10.06 19.02 5.82
C MET A 48 -9.50 17.73 5.21
N LEU A 49 -8.16 17.61 5.12
CA LEU A 49 -7.55 16.36 4.66
C LEU A 49 -7.17 15.44 5.82
N GLU A 50 -7.29 15.92 7.05
CA GLU A 50 -6.90 15.10 8.20
C GLU A 50 -7.89 13.99 8.47
N VAL A 51 -7.36 12.81 8.77
CA VAL A 51 -8.14 11.62 9.09
C VAL A 51 -7.64 11.00 10.38
N ARG A 52 -8.57 10.65 11.26
CA ARG A 52 -8.23 9.92 12.48
C ARG A 52 -8.77 8.50 12.39
N VAL A 53 -7.86 7.54 12.27
CA VAL A 53 -8.23 6.14 12.10
C VAL A 53 -7.05 5.25 12.53
N LEU A 54 -7.32 3.99 12.85
CA LEU A 54 -6.27 3.02 13.22
C LEU A 54 -5.47 3.47 14.45
N GLY A 55 -6.08 4.32 15.26
CA GLY A 55 -5.47 4.78 16.50
C GLY A 55 -4.51 5.93 16.29
N HIS A 56 -4.56 6.53 15.11
CA HIS A 56 -3.62 7.58 14.76
C HIS A 56 -4.23 8.73 13.98
N LYS A 57 -3.53 9.85 14.00
CA LYS A 57 -3.85 10.98 13.16
C LYS A 57 -3.05 10.88 11.86
N PHE A 58 -3.73 11.10 10.73
CA PHE A 58 -3.06 11.18 9.43
C PHE A 58 -3.26 12.59 8.89
N ARG A 59 -2.15 13.33 8.71
CA ARG A 59 -2.21 14.71 8.26
C ARG A 59 -2.91 14.84 6.89
N ASN A 60 -2.73 13.84 6.04
CA ASN A 60 -3.51 13.74 4.82
C ASN A 60 -3.69 12.26 4.51
N PRO A 61 -4.63 11.92 3.61
CA PRO A 61 -5.00 10.50 3.45
C PRO A 61 -4.27 9.81 2.32
N VAL A 62 -3.20 10.42 1.79
CA VAL A 62 -2.52 9.86 0.62
C VAL A 62 -1.18 9.26 1.02
N GLY A 63 -1.08 7.94 0.94
CA GLY A 63 0.12 7.23 1.34
C GLY A 63 0.84 6.61 0.15
N ILE A 64 2.08 6.22 0.39
CA ILE A 64 2.87 5.46 -0.58
C ILE A 64 2.61 3.99 -0.31
N ALA A 65 2.20 3.26 -1.34
CA ALA A 65 1.87 1.85 -1.22
C ALA A 65 3.12 1.02 -1.03
N ALA A 66 2.94 -0.17 -0.46
CA ALA A 66 4.03 -1.11 -0.30
C ALA A 66 4.67 -1.45 -1.63
N GLY A 67 5.97 -1.73 -1.61
CA GLY A 67 6.66 -2.17 -2.80
C GLY A 67 7.59 -1.13 -3.40
N PHE A 68 7.38 0.14 -3.07
CA PHE A 68 8.26 1.17 -3.57
C PHE A 68 9.53 1.20 -2.72
N ASP A 69 9.35 1.26 -1.41
CA ASP A 69 10.46 1.21 -0.45
C ASP A 69 10.37 -0.12 0.28
N LYS A 70 10.83 -1.18 -0.37
CA LYS A 70 10.68 -2.52 0.16
C LYS A 70 11.52 -2.72 1.42
N HIS A 71 12.61 -1.99 1.54
CA HIS A 71 13.59 -2.27 2.60
C HIS A 71 13.75 -1.13 3.61
N GLY A 72 12.84 -0.17 3.58
CA GLY A 72 12.87 0.93 4.53
C GLY A 72 14.06 1.87 4.40
N GLU A 73 14.44 2.20 3.17
CA GLU A 73 15.60 3.04 2.88
C GLU A 73 15.28 4.51 2.56
N ALA A 74 14.00 4.83 2.35
CA ALA A 74 13.62 6.15 1.83
C ALA A 74 12.46 6.77 2.57
N VAL A 75 12.22 6.32 3.80
CA VAL A 75 11.03 6.75 4.56
C VAL A 75 10.94 8.26 4.70
N ASP A 76 12.01 8.90 5.14
CA ASP A 76 11.97 10.32 5.38
C ASP A 76 11.80 11.13 4.09
N GLY A 77 12.43 10.68 3.02
CA GLY A 77 12.27 11.29 1.72
C GLY A 77 10.84 11.19 1.20
N LEU A 78 10.17 10.10 1.54
CA LEU A 78 8.78 9.92 1.14
C LEU A 78 7.86 10.88 1.90
N TYR A 79 8.13 11.11 3.18
CA TYR A 79 7.36 12.15 3.87
C TYR A 79 7.63 13.52 3.24
N LYS A 80 8.87 13.76 2.84
CA LYS A 80 9.23 15.03 2.22
C LYS A 80 8.44 15.23 0.92
N MET A 81 8.13 14.11 0.27
CA MET A 81 7.38 14.13 -0.99
C MET A 81 5.91 14.52 -0.77
N GLY A 82 5.47 14.49 0.48
CA GLY A 82 4.13 14.93 0.82
C GLY A 82 3.15 13.82 1.20
N PHE A 83 3.63 12.58 1.25
CA PHE A 83 2.75 11.48 1.66
C PHE A 83 2.34 11.63 3.11
N GLY A 84 1.07 11.35 3.39
CA GLY A 84 0.53 11.45 4.73
C GLY A 84 0.91 10.27 5.60
N PHE A 85 1.32 9.19 4.96
CA PHE A 85 1.83 8.03 5.69
C PHE A 85 2.65 7.21 4.72
N VAL A 86 3.56 6.42 5.27
CA VAL A 86 4.47 5.62 4.48
C VAL A 86 4.34 4.17 4.87
N GLU A 87 4.26 3.29 3.87
CA GLU A 87 4.26 1.84 4.12
C GLU A 87 5.47 1.23 3.45
N ILE A 88 6.31 0.58 4.24
CA ILE A 88 7.47 -0.11 3.68
C ILE A 88 7.21 -1.60 3.58
N GLY A 89 8.05 -2.30 2.80
CA GLY A 89 7.90 -3.73 2.60
C GLY A 89 7.39 -4.05 1.20
N SER A 90 7.06 -5.32 0.96
CA SER A 90 7.06 -6.38 1.95
C SER A 90 8.44 -6.80 2.42
N VAL A 91 8.55 -7.10 3.71
CA VAL A 91 9.76 -7.62 4.32
C VAL A 91 9.58 -9.10 4.67
N THR A 92 10.54 -9.93 4.27
CA THR A 92 10.53 -11.35 4.61
C THR A 92 11.46 -11.61 5.78
N PRO A 93 11.25 -12.73 6.50
CA PRO A 93 12.08 -12.99 7.67
C PRO A 93 13.57 -13.04 7.36
N LYS A 94 13.95 -13.89 6.42
CA LYS A 94 15.33 -13.96 5.96
C LYS A 94 15.48 -13.18 4.67
N PRO A 95 16.67 -12.64 4.41
CA PRO A 95 16.91 -12.01 3.11
C PRO A 95 16.68 -12.99 1.97
N GLN A 96 16.17 -12.50 0.85
CA GLN A 96 16.05 -13.34 -0.34
C GLN A 96 16.04 -12.46 -1.58
N GLU A 97 16.49 -13.02 -2.70
CA GLU A 97 16.76 -12.22 -3.89
C GLU A 97 15.54 -11.93 -4.77
N GLY A 98 14.50 -12.73 -4.63
CA GLY A 98 13.34 -12.60 -5.49
C GLY A 98 13.54 -13.34 -6.80
N ASN A 99 12.69 -13.07 -7.78
CA ASN A 99 12.73 -13.78 -9.06
C ASN A 99 13.84 -13.29 -9.97
N PRO A 100 14.22 -14.11 -10.96
CA PRO A 100 15.24 -13.66 -11.90
C PRO A 100 14.75 -12.52 -12.79
N ARG A 101 15.67 -11.70 -13.29
CA ARG A 101 15.30 -10.61 -14.18
C ARG A 101 15.09 -11.15 -15.60
N PRO A 102 14.30 -10.43 -16.42
CA PRO A 102 13.54 -9.23 -16.08
C PRO A 102 12.29 -9.60 -15.29
N ARG A 103 11.86 -8.69 -14.42
CA ARG A 103 10.75 -8.98 -13.52
C ARG A 103 9.86 -7.77 -13.29
N VAL A 104 10.10 -6.70 -14.04
CA VAL A 104 9.25 -5.50 -14.00
C VAL A 104 9.10 -4.96 -15.41
N PHE A 105 7.88 -4.57 -15.74
CA PHE A 105 7.55 -4.17 -17.11
C PHE A 105 6.61 -3.00 -17.12
N ARG A 106 6.89 -2.02 -17.98
CA ARG A 106 6.02 -0.86 -18.17
C ARG A 106 5.03 -1.09 -19.30
N LEU A 107 3.79 -0.64 -19.10
CA LEU A 107 2.77 -0.65 -20.14
C LEU A 107 2.29 0.79 -20.29
N PRO A 108 3.08 1.62 -20.98
CA PRO A 108 2.78 3.05 -21.00
C PRO A 108 1.43 3.39 -21.62
N GLU A 109 1.03 2.64 -22.65
CA GLU A 109 -0.26 2.89 -23.30
C GLU A 109 -1.46 2.65 -22.39
N ASP A 110 -1.22 1.94 -21.29
CA ASP A 110 -2.26 1.57 -20.33
C ASP A 110 -2.08 2.25 -18.99
N GLN A 111 -1.03 3.06 -18.85
CA GLN A 111 -0.59 3.61 -17.57
C GLN A 111 -0.60 2.51 -16.51
N ALA A 112 0.12 1.45 -16.83
CA ALA A 112 0.17 0.27 -15.99
C ALA A 112 1.58 -0.26 -15.90
N VAL A 113 1.78 -1.12 -14.91
CA VAL A 113 3.01 -1.85 -14.71
C VAL A 113 2.63 -3.31 -14.43
N ILE A 114 3.50 -4.24 -14.86
CA ILE A 114 3.41 -5.63 -14.45
C ILE A 114 4.71 -5.96 -13.74
N ASN A 115 4.61 -6.52 -12.55
CA ASN A 115 5.79 -6.96 -11.82
C ASN A 115 5.67 -8.38 -11.29
N ARG A 116 6.82 -9.06 -11.25
CA ARG A 116 6.95 -10.37 -10.62
C ARG A 116 8.25 -10.41 -9.81
N TYR A 117 8.44 -9.40 -8.96
CA TYR A 117 9.66 -9.31 -8.14
C TYR A 117 9.87 -10.55 -7.28
N GLY A 118 8.79 -11.07 -6.70
CA GLY A 118 8.87 -12.24 -5.86
C GLY A 118 9.44 -11.99 -4.47
N PHE A 119 9.07 -10.86 -3.86
CA PHE A 119 9.49 -10.57 -2.48
C PHE A 119 11.01 -10.52 -2.36
N ASN A 120 11.67 -9.78 -3.24
CA ASN A 120 13.05 -9.41 -2.99
C ASN A 120 13.07 -8.61 -1.70
N SER A 121 13.88 -9.06 -0.74
CA SER A 121 13.88 -8.44 0.57
C SER A 121 15.25 -8.54 1.25
N HIS A 122 15.65 -7.44 1.89
CA HIS A 122 16.86 -7.42 2.71
C HIS A 122 16.67 -8.22 4.00
N GLY A 123 15.42 -8.56 4.34
CA GLY A 123 15.15 -9.36 5.52
C GLY A 123 14.87 -8.56 6.77
N LEU A 124 14.28 -9.21 7.77
CA LEU A 124 13.82 -8.50 8.97
C LEU A 124 14.94 -7.81 9.75
N SER A 125 16.07 -8.48 9.91
N SER A 125 16.06 -8.49 9.91
CA SER A 125 17.15 -7.95 10.74
CA SER A 125 17.16 -7.98 10.71
C SER A 125 17.69 -6.64 10.17
C SER A 125 17.68 -6.65 10.16
N VAL A 126 17.94 -6.62 8.85
CA VAL A 126 18.43 -5.40 8.22
C VAL A 126 17.42 -4.27 8.34
N VAL A 127 16.14 -4.56 8.10
CA VAL A 127 15.13 -3.53 8.16
C VAL A 127 14.93 -3.09 9.60
N GLU A 128 15.00 -4.03 10.55
CA GLU A 128 14.90 -3.69 11.97
C GLU A 128 15.93 -2.62 12.34
N HIS A 129 17.17 -2.83 11.93
CA HIS A 129 18.21 -1.91 12.32
C HIS A 129 18.08 -0.56 11.61
N ARG A 130 17.59 -0.59 10.37
CA ARG A 130 17.31 0.65 9.65
C ARG A 130 16.25 1.50 10.36
N LEU A 131 15.17 0.86 10.82
CA LEU A 131 14.11 1.57 11.48
C LEU A 131 14.55 1.99 12.88
N ARG A 132 15.35 1.17 13.54
CA ARG A 132 15.80 1.55 14.88
C ARG A 132 16.64 2.82 14.85
N ALA A 133 17.39 3.01 13.77
CA ALA A 133 18.28 4.17 13.66
C ALA A 133 17.51 5.48 13.61
N ARG A 134 16.20 5.41 13.33
CA ARG A 134 15.36 6.61 13.25
C ARG A 134 14.07 6.47 14.06
N GLN A 135 14.10 5.59 15.06
CA GLN A 135 12.89 5.21 15.78
C GLN A 135 12.26 6.40 16.51
N GLN A 136 13.07 7.24 17.14
CA GLN A 136 12.51 8.36 17.87
C GLN A 136 12.04 9.46 16.93
N LYS A 137 12.78 9.65 15.84
CA LYS A 137 12.35 10.56 14.79
C LYS A 137 10.96 10.15 14.29
N GLN A 138 10.77 8.86 14.07
CA GLN A 138 9.46 8.38 13.62
C GLN A 138 8.38 8.60 14.67
N ALA A 139 8.72 8.41 15.95
CA ALA A 139 7.75 8.64 17.02
C ALA A 139 7.21 10.07 16.95
N LYS A 140 8.10 11.02 16.68
CA LYS A 140 7.71 12.42 16.55
C LYS A 140 6.88 12.65 15.29
N LEU A 141 7.27 12.00 14.21
CA LEU A 141 6.55 12.14 12.95
C LEU A 141 5.13 11.61 13.14
N THR A 142 5.01 10.45 13.76
CA THR A 142 3.71 9.83 14.03
C THR A 142 2.84 10.76 14.88
N GLU A 143 3.41 11.32 15.95
CA GLU A 143 2.69 12.29 16.78
C GLU A 143 2.24 13.50 15.98
N ASP A 144 3.04 13.87 14.99
CA ASP A 144 2.75 15.00 14.11
C ASP A 144 1.82 14.64 12.95
N GLY A 145 1.28 13.42 12.96
CA GLY A 145 0.29 13.01 11.99
C GLY A 145 0.85 12.34 10.74
N LEU A 146 2.03 11.73 10.86
CA LEU A 146 2.68 11.04 9.72
C LEU A 146 3.09 9.62 10.10
N PRO A 147 2.11 8.69 10.14
CA PRO A 147 2.41 7.35 10.64
C PRO A 147 3.17 6.47 9.66
N LEU A 148 3.68 5.36 10.19
CA LEU A 148 4.47 4.41 9.45
C LEU A 148 3.86 3.00 9.51
N GLY A 149 3.71 2.40 8.33
CA GLY A 149 3.24 1.03 8.23
C GLY A 149 4.35 0.12 7.76
N VAL A 150 4.31 -1.13 8.21
CA VAL A 150 5.27 -2.14 7.81
C VAL A 150 4.51 -3.35 7.28
N ASN A 151 4.84 -3.72 6.05
CA ASN A 151 4.17 -4.78 5.33
C ASN A 151 5.02 -6.04 5.39
N LEU A 152 4.44 -7.12 5.90
CA LEU A 152 5.16 -8.36 6.17
C LEU A 152 4.87 -9.42 5.11
N GLY A 153 5.92 -10.05 4.61
CA GLY A 153 5.79 -11.18 3.70
C GLY A 153 6.37 -12.46 4.28
N LYS A 154 6.48 -13.48 3.44
CA LYS A 154 7.02 -14.77 3.85
C LYS A 154 8.07 -15.23 2.86
N ASN A 155 9.05 -15.96 3.35
CA ASN A 155 10.11 -16.46 2.50
C ASN A 155 9.61 -17.53 1.55
N LYS A 156 10.26 -17.62 0.39
CA LYS A 156 9.89 -18.57 -0.64
C LYS A 156 9.95 -20.02 -0.12
N THR A 157 10.95 -20.33 0.68
CA THR A 157 11.18 -21.69 1.14
C THR A 157 10.57 -21.98 2.52
N SER A 158 9.69 -21.11 2.99
CA SER A 158 9.10 -21.27 4.31
C SER A 158 8.15 -22.46 4.36
N VAL A 159 8.26 -23.24 5.43
CA VAL A 159 7.38 -24.39 5.65
C VAL A 159 6.09 -23.98 6.35
N ASP A 160 6.21 -22.98 7.22
CA ASP A 160 5.12 -22.54 8.08
C ASP A 160 4.91 -21.05 7.90
N ALA A 161 3.96 -20.68 7.06
CA ALA A 161 3.71 -19.28 6.73
C ALA A 161 3.36 -18.45 7.96
N ALA A 162 2.58 -19.05 8.85
CA ALA A 162 2.17 -18.34 10.04
C ALA A 162 3.37 -17.98 10.92
N GLU A 163 4.40 -18.83 10.91
CA GLU A 163 5.57 -18.52 11.72
C GLU A 163 6.37 -17.38 11.07
N ASP A 164 6.41 -17.33 9.75
CA ASP A 164 7.05 -16.20 9.07
C ASP A 164 6.38 -14.89 9.48
N TYR A 165 5.06 -14.83 9.46
CA TYR A 165 4.36 -13.61 9.80
C TYR A 165 4.53 -13.29 11.28
N ALA A 166 4.49 -14.31 12.12
CA ALA A 166 4.72 -14.14 13.55
C ALA A 166 6.09 -13.51 13.82
N GLU A 167 7.10 -13.99 13.12
CA GLU A 167 8.46 -13.45 13.30
C GLU A 167 8.47 -11.97 12.90
N GLY A 168 7.74 -11.63 11.84
CA GLY A 168 7.65 -10.23 11.41
C GLY A 168 6.99 -9.35 12.45
N VAL A 169 5.95 -9.87 13.11
CA VAL A 169 5.26 -9.12 14.14
C VAL A 169 6.22 -8.84 15.29
N ARG A 170 6.94 -9.88 15.70
N ARG A 170 6.92 -9.89 15.71
CA ARG A 170 7.85 -9.77 16.84
CA ARG A 170 7.85 -9.79 16.82
C ARG A 170 9.02 -8.82 16.58
C ARG A 170 8.98 -8.80 16.56
N VAL A 171 9.54 -8.85 15.36
CA VAL A 171 10.73 -8.04 15.04
C VAL A 171 10.39 -6.61 14.64
N LEU A 172 9.43 -6.42 13.74
CA LEU A 172 9.08 -5.08 13.26
C LEU A 172 7.81 -4.49 13.85
N GLY A 173 6.96 -5.30 14.47
CA GLY A 173 5.80 -4.76 15.15
C GLY A 173 6.10 -3.60 16.09
N PRO A 174 7.16 -3.75 16.91
CA PRO A 174 7.49 -2.68 17.86
C PRO A 174 7.91 -1.36 17.21
N LEU A 175 8.16 -1.37 15.90
CA LEU A 175 8.67 -0.20 15.21
C LEU A 175 7.63 0.41 14.26
N ALA A 176 6.42 -0.16 14.27
CA ALA A 176 5.37 0.18 13.29
C ALA A 176 4.13 0.74 13.95
N ASP A 177 3.49 1.69 13.29
CA ASP A 177 2.17 2.12 13.71
C ASP A 177 1.13 1.11 13.28
N TYR A 178 1.33 0.51 12.11
CA TYR A 178 0.49 -0.60 11.70
C TYR A 178 1.31 -1.62 10.94
N LEU A 179 0.87 -2.86 11.04
CA LEU A 179 1.44 -3.96 10.30
C LEU A 179 0.44 -4.44 9.26
N VAL A 180 0.97 -4.95 8.15
CA VAL A 180 0.14 -5.53 7.09
C VAL A 180 0.51 -6.98 6.86
N VAL A 181 -0.49 -7.84 6.97
CA VAL A 181 -0.36 -9.24 6.65
C VAL A 181 -0.73 -9.35 5.20
N ASN A 182 0.32 -9.42 4.39
CA ASN A 182 0.20 -9.51 2.96
C ASN A 182 0.05 -10.95 2.56
N VAL A 183 -1.20 -11.37 2.35
CA VAL A 183 -1.47 -12.70 1.83
C VAL A 183 -1.99 -12.62 0.39
N SER A 184 -1.61 -11.58 -0.36
CA SER A 184 -2.19 -11.37 -1.69
C SER A 184 -1.18 -11.06 -2.81
N SER A 185 0.12 -11.23 -2.55
CA SER A 185 1.08 -11.15 -3.64
C SER A 185 0.81 -12.26 -4.64
N PRO A 186 0.77 -11.93 -5.93
CA PRO A 186 0.55 -12.98 -6.94
C PRO A 186 1.84 -13.72 -7.32
N ASN A 187 2.96 -13.37 -6.69
CA ASN A 187 4.29 -13.80 -7.14
C ASN A 187 5.03 -14.71 -6.19
N THR A 188 4.31 -15.25 -5.22
CA THR A 188 4.86 -16.27 -4.32
C THR A 188 3.91 -17.44 -4.32
N ALA A 189 4.41 -18.60 -4.74
CA ALA A 189 3.57 -19.77 -4.94
C ALA A 189 2.78 -20.11 -3.68
N GLY A 190 1.47 -20.23 -3.83
CA GLY A 190 0.60 -20.66 -2.75
C GLY A 190 0.20 -19.59 -1.76
N LEU A 191 0.79 -18.40 -1.86
CA LEU A 191 0.55 -17.35 -0.86
C LEU A 191 -0.93 -16.94 -0.78
N ARG A 192 -1.56 -16.77 -1.94
CA ARG A 192 -2.92 -16.25 -1.97
C ARG A 192 -3.93 -17.24 -1.39
N SER A 193 -3.54 -18.50 -1.30
N SER A 193 -3.54 -18.50 -1.30
CA SER A 193 -4.41 -19.51 -0.70
CA SER A 193 -4.40 -19.51 -0.69
C SER A 193 -4.58 -19.25 0.80
C SER A 193 -4.57 -19.25 0.80
N LEU A 194 -3.69 -18.41 1.35
CA LEU A 194 -3.80 -18.02 2.76
C LEU A 194 -5.00 -17.11 2.99
N GLN A 195 -5.63 -16.68 1.91
CA GLN A 195 -6.85 -15.87 1.98
C GLN A 195 -8.09 -16.72 2.24
N GLY A 196 -7.97 -18.03 2.11
CA GLY A 196 -9.08 -18.94 2.38
C GLY A 196 -9.46 -18.92 3.85
N LYS A 197 -10.74 -19.16 4.15
CA LYS A 197 -11.28 -18.93 5.50
C LYS A 197 -10.52 -19.63 6.62
N ALA A 198 -10.34 -20.94 6.51
CA ALA A 198 -9.72 -21.71 7.58
C ALA A 198 -8.26 -21.32 7.80
N GLU A 199 -7.51 -21.22 6.71
CA GLU A 199 -6.10 -20.84 6.77
C GLU A 199 -5.96 -19.42 7.28
N LEU A 200 -6.87 -18.55 6.85
CA LEU A 200 -6.81 -17.16 7.23
C LEU A 200 -7.10 -17.01 8.72
N ARG A 201 -8.09 -17.75 9.23
CA ARG A 201 -8.43 -17.63 10.64
C ARG A 201 -7.27 -18.09 11.52
N ARG A 202 -6.70 -19.24 11.19
CA ARG A 202 -5.55 -19.76 11.93
C ARG A 202 -4.38 -18.77 11.88
N LEU A 203 -4.07 -18.30 10.69
CA LEU A 203 -2.95 -17.39 10.48
C LEU A 203 -3.13 -16.08 11.25
N LEU A 204 -4.30 -15.48 11.13
CA LEU A 204 -4.55 -14.18 11.75
C LEU A 204 -4.71 -14.29 13.26
N THR A 205 -5.22 -15.41 13.74
CA THR A 205 -5.27 -15.65 15.19
C THR A 205 -3.85 -15.59 15.76
N LYS A 206 -2.92 -16.30 15.11
CA LYS A 206 -1.53 -16.32 15.54
C LYS A 206 -0.90 -14.93 15.47
N VAL A 207 -1.12 -14.23 14.36
CA VAL A 207 -0.61 -12.88 14.22
C VAL A 207 -1.09 -11.97 15.33
N LEU A 208 -2.39 -12.03 15.64
CA LEU A 208 -2.96 -11.12 16.63
C LEU A 208 -2.49 -11.49 18.04
N GLN A 209 -2.32 -12.78 18.30
CA GLN A 209 -1.74 -13.23 19.57
C GLN A 209 -0.36 -12.61 19.77
N GLU A 210 0.47 -12.70 18.74
CA GLU A 210 1.83 -12.17 18.80
C GLU A 210 1.80 -10.67 19.00
N ARG A 211 0.91 -9.99 18.27
CA ARG A 211 0.78 -8.54 18.38
C ARG A 211 0.37 -8.11 19.79
N ASP A 212 -0.62 -8.81 20.35
CA ASP A 212 -1.14 -8.48 21.67
C ASP A 212 -0.09 -8.69 22.76
N GLY A 213 0.93 -9.48 22.46
CA GLY A 213 2.02 -9.75 23.40
C GLY A 213 3.07 -8.66 23.46
N LEU A 214 2.98 -7.68 22.56
CA LEU A 214 3.92 -6.55 22.59
C LEU A 214 3.52 -5.50 23.61
N ARG A 215 4.51 -4.82 24.17
CA ARG A 215 4.23 -3.73 25.09
C ARG A 215 3.37 -2.64 24.45
N ARG A 216 2.55 -2.01 25.29
CA ARG A 216 1.47 -1.14 24.82
C ARG A 216 1.92 -0.07 23.83
N VAL A 217 3.01 0.64 24.11
CA VAL A 217 3.44 1.70 23.21
C VAL A 217 4.12 1.17 21.97
N HIS A 218 4.31 -0.15 21.91
CA HIS A 218 4.91 -0.82 20.77
C HIS A 218 3.95 -1.79 20.11
N ARG A 219 2.66 -1.57 20.35
CA ARG A 219 1.61 -2.47 19.87
C ARG A 219 0.91 -1.86 18.63
N PRO A 220 1.20 -2.40 17.43
CA PRO A 220 0.62 -1.83 16.20
C PRO A 220 -0.77 -2.33 15.89
N ALA A 221 -1.49 -1.55 15.09
CA ALA A 221 -2.68 -2.05 14.42
C ALA A 221 -2.27 -3.13 13.43
N VAL A 222 -3.17 -4.06 13.16
CA VAL A 222 -2.92 -5.13 12.19
C VAL A 222 -3.97 -5.10 11.10
N LEU A 223 -3.51 -4.97 9.86
CA LEU A 223 -4.37 -4.98 8.68
C LEU A 223 -4.04 -6.18 7.79
N VAL A 224 -5.02 -6.61 7.01
CA VAL A 224 -4.83 -7.66 6.03
C VAL A 224 -4.96 -7.05 4.65
N LYS A 225 -3.99 -7.31 3.80
CA LYS A 225 -4.00 -6.84 2.42
C LYS A 225 -4.46 -7.94 1.47
N ILE A 226 -5.48 -7.63 0.69
CA ILE A 226 -6.13 -8.63 -0.10
C ILE A 226 -6.04 -8.33 -1.58
N ALA A 227 -6.24 -9.38 -2.36
CA ALA A 227 -6.20 -9.33 -3.80
C ALA A 227 -7.48 -8.76 -4.38
N PRO A 228 -7.41 -8.28 -5.63
CA PRO A 228 -8.59 -7.84 -6.36
C PRO A 228 -9.29 -9.02 -7.05
N ASP A 229 -8.69 -10.21 -6.96
CA ASP A 229 -9.12 -11.35 -7.78
C ASP A 229 -9.93 -12.39 -7.00
N LEU A 230 -10.55 -11.97 -5.91
CA LEU A 230 -11.26 -12.87 -5.01
C LEU A 230 -12.63 -13.18 -5.55
N THR A 231 -13.12 -14.38 -5.29
CA THR A 231 -14.51 -14.71 -5.57
C THR A 231 -15.41 -14.03 -4.56
N SER A 232 -16.71 -14.02 -4.83
CA SER A 232 -17.67 -13.47 -3.88
C SER A 232 -17.60 -14.23 -2.57
N GLN A 233 -17.43 -15.54 -2.66
CA GLN A 233 -17.29 -16.40 -1.49
C GLN A 233 -16.06 -16.05 -0.66
N ASP A 234 -14.93 -15.85 -1.35
CA ASP A 234 -13.69 -15.44 -0.70
C ASP A 234 -13.88 -14.17 0.11
N LYS A 235 -14.54 -13.19 -0.49
CA LYS A 235 -14.75 -11.90 0.14
C LYS A 235 -15.66 -12.01 1.36
N GLU A 236 -16.75 -12.78 1.24
CA GLU A 236 -17.62 -13.05 2.36
C GLU A 236 -16.85 -13.64 3.52
N ASP A 237 -16.01 -14.63 3.22
CA ASP A 237 -15.25 -15.35 4.24
C ASP A 237 -14.25 -14.42 4.93
N ILE A 238 -13.55 -13.62 4.15
CA ILE A 238 -12.60 -12.67 4.71
C ILE A 238 -13.28 -11.68 5.63
N ALA A 239 -14.41 -11.14 5.18
CA ALA A 239 -15.14 -10.18 5.99
C ALA A 239 -15.54 -10.80 7.32
N SER A 240 -15.97 -12.06 7.27
CA SER A 240 -16.39 -12.77 8.46
C SER A 240 -15.24 -12.99 9.44
N VAL A 241 -14.10 -13.41 8.93
CA VAL A 241 -12.95 -13.69 9.78
C VAL A 241 -12.44 -12.40 10.39
N VAL A 242 -12.41 -11.34 9.59
CA VAL A 242 -11.92 -10.05 10.03
C VAL A 242 -12.77 -9.50 11.18
N LYS A 243 -14.08 -9.67 11.09
CA LYS A 243 -14.96 -9.19 12.15
C LYS A 243 -14.88 -10.08 13.38
N GLU A 244 -14.80 -11.38 13.15
CA GLU A 244 -14.72 -12.35 14.25
C GLU A 244 -13.48 -12.09 15.13
N LEU A 245 -12.34 -11.81 14.49
CA LEU A 245 -11.06 -11.74 15.20
C LEU A 245 -10.70 -10.34 15.66
N GLY A 246 -11.41 -9.33 15.18
CA GLY A 246 -11.12 -7.96 15.57
C GLY A 246 -9.93 -7.37 14.83
N ILE A 247 -9.69 -7.84 13.60
N ILE A 247 -9.72 -7.79 13.59
CA ILE A 247 -8.66 -7.27 12.73
CA ILE A 247 -8.66 -7.24 12.78
C ILE A 247 -8.93 -5.76 12.59
C ILE A 247 -8.93 -5.76 12.54
N ASP A 248 -7.87 -4.97 12.59
CA ASP A 248 -8.01 -3.52 12.67
C ASP A 248 -8.34 -2.82 11.36
N GLY A 249 -8.02 -3.47 10.24
CA GLY A 249 -8.35 -2.89 8.95
C GLY A 249 -7.98 -3.77 7.78
N LEU A 250 -8.33 -3.30 6.59
CA LEU A 250 -8.04 -3.98 5.34
C LEU A 250 -7.31 -3.04 4.40
N ILE A 251 -6.40 -3.61 3.60
CA ILE A 251 -5.80 -2.89 2.49
C ILE A 251 -6.30 -3.54 1.22
N VAL A 252 -6.90 -2.71 0.36
CA VAL A 252 -7.73 -3.16 -0.76
C VAL A 252 -7.39 -2.28 -1.95
N THR A 253 -6.57 -2.72 -2.94
CA THR A 253 -6.12 -4.08 -3.17
C THR A 253 -4.64 -4.14 -3.57
N ASN A 254 -4.11 -5.37 -3.56
CA ASN A 254 -2.87 -5.69 -4.23
C ASN A 254 -3.07 -5.66 -5.75
N THR A 255 -2.04 -6.07 -6.49
CA THR A 255 -2.10 -6.12 -7.95
C THR A 255 -2.99 -7.28 -8.41
N THR A 256 -3.40 -7.24 -9.68
CA THR A 256 -4.27 -8.28 -10.26
C THR A 256 -3.52 -9.21 -11.20
N VAL A 257 -3.86 -10.50 -11.14
CA VAL A 257 -3.33 -11.46 -12.12
C VAL A 257 -4.28 -11.57 -13.31
N SER A 258 -5.37 -10.82 -13.27
CA SER A 258 -6.25 -10.70 -14.43
C SER A 258 -5.61 -9.78 -15.46
N ARG A 259 -6.10 -9.85 -16.69
CA ARG A 259 -5.67 -8.97 -17.75
C ARG A 259 -6.91 -8.44 -18.39
N PRO A 260 -7.38 -7.29 -17.90
CA PRO A 260 -8.63 -6.74 -18.41
C PRO A 260 -8.63 -6.57 -19.92
N ALA A 261 -9.80 -6.75 -20.54
CA ALA A 261 -9.90 -6.55 -21.97
C ALA A 261 -9.45 -5.14 -22.28
N GLY A 262 -8.76 -4.98 -23.40
CA GLY A 262 -8.41 -3.66 -23.89
C GLY A 262 -6.99 -3.19 -23.63
N LEU A 263 -6.21 -3.94 -22.87
CA LEU A 263 -4.82 -3.58 -22.64
C LEU A 263 -4.09 -3.48 -23.97
N GLN A 264 -3.32 -2.41 -24.14
CA GLN A 264 -2.58 -2.18 -25.38
C GLN A 264 -1.09 -2.42 -25.29
N GLY A 265 -0.54 -2.37 -24.08
CA GLY A 265 0.90 -2.53 -23.93
C GLY A 265 1.42 -3.81 -24.57
N ALA A 266 2.58 -3.72 -25.23
CA ALA A 266 3.18 -4.88 -25.87
C ALA A 266 3.46 -5.98 -24.85
N LEU A 267 3.70 -5.57 -23.60
CA LEU A 267 4.12 -6.48 -22.56
C LEU A 267 2.97 -6.99 -21.68
N ARG A 268 1.74 -6.85 -22.18
CA ARG A 268 0.54 -7.21 -21.42
C ARG A 268 0.44 -8.68 -21.02
N SER A 269 1.11 -9.57 -21.75
CA SER A 269 1.02 -10.99 -21.45
C SER A 269 2.21 -11.52 -20.65
N GLU A 270 3.02 -10.62 -20.12
CA GLU A 270 4.03 -11.00 -19.10
C GLU A 270 3.33 -11.49 -17.84
N THR A 271 3.93 -12.51 -17.21
CA THR A 271 3.46 -13.02 -15.94
C THR A 271 3.70 -12.00 -14.83
N GLY A 272 2.72 -11.86 -13.94
CA GLY A 272 2.89 -11.03 -12.76
C GLY A 272 1.64 -10.27 -12.39
N GLY A 273 1.79 -9.39 -11.41
CA GLY A 273 0.69 -8.55 -10.95
C GLY A 273 0.63 -7.26 -11.74
N LEU A 274 -0.56 -6.94 -12.23
N LEU A 274 -0.56 -6.93 -12.21
CA LEU A 274 -0.83 -5.72 -12.96
CA LEU A 274 -0.81 -5.71 -12.94
C LEU A 274 -1.30 -4.61 -12.01
C LEU A 274 -1.28 -4.61 -11.99
N SER A 275 -0.73 -3.42 -12.16
CA SER A 275 -1.04 -2.25 -11.33
C SER A 275 -1.40 -1.07 -12.23
N GLY A 276 -1.82 0.05 -11.64
CA GLY A 276 -2.11 1.24 -12.40
C GLY A 276 -3.54 1.30 -12.88
N LYS A 277 -3.78 2.06 -13.94
CA LYS A 277 -5.15 2.40 -14.27
C LYS A 277 -6.06 1.21 -14.59
N PRO A 278 -5.50 0.13 -15.20
CA PRO A 278 -6.42 -0.99 -15.47
C PRO A 278 -6.93 -1.71 -14.22
N LEU A 279 -6.30 -1.45 -13.09
CA LEU A 279 -6.71 -1.98 -11.80
C LEU A 279 -7.67 -1.05 -11.04
N ARG A 280 -7.76 0.21 -11.47
CA ARG A 280 -8.42 1.23 -10.65
C ARG A 280 -9.83 0.85 -10.21
N ASP A 281 -10.70 0.57 -11.15
CA ASP A 281 -12.08 0.40 -10.77
C ASP A 281 -12.34 -1.00 -10.19
N LEU A 282 -11.54 -1.98 -10.57
CA LEU A 282 -11.61 -3.29 -9.94
C LEU A 282 -11.32 -3.16 -8.45
N SER A 283 -10.30 -2.37 -8.12
N SER A 283 -10.31 -2.35 -8.11
N SER A 283 -10.33 -2.35 -8.10
CA SER A 283 -9.97 -2.10 -6.72
CA SER A 283 -9.96 -2.11 -6.71
CA SER A 283 -9.99 -2.13 -6.70
C SER A 283 -11.09 -1.36 -6.02
C SER A 283 -11.05 -1.31 -5.99
C SER A 283 -11.05 -1.31 -5.98
N THR A 284 -11.59 -0.29 -6.64
CA THR A 284 -12.68 0.50 -6.06
C THR A 284 -13.90 -0.36 -5.75
N GLN A 285 -14.25 -1.27 -6.66
CA GLN A 285 -15.39 -2.15 -6.41
C GLN A 285 -15.11 -3.13 -5.28
N THR A 286 -13.86 -3.54 -5.12
CA THR A 286 -13.51 -4.46 -4.05
C THR A 286 -13.63 -3.70 -2.72
N ILE A 287 -13.24 -2.44 -2.71
CA ILE A 287 -13.44 -1.58 -1.54
C ILE A 287 -14.91 -1.48 -1.20
N ARG A 288 -15.71 -1.19 -2.23
CA ARG A 288 -17.14 -1.01 -2.06
C ARG A 288 -17.76 -2.24 -1.40
N GLU A 289 -17.43 -3.43 -1.91
N GLU A 289 -17.41 -3.41 -1.93
CA GLU A 289 -18.00 -4.66 -1.37
CA GLU A 289 -17.94 -4.67 -1.43
C GLU A 289 -17.50 -4.98 0.03
C GLU A 289 -17.48 -4.99 -0.01
N MET A 290 -16.19 -4.81 0.27
CA MET A 290 -15.66 -5.12 1.60
C MET A 290 -16.21 -4.17 2.68
N TYR A 291 -16.42 -2.91 2.32
CA TYR A 291 -17.02 -1.93 3.22
C TYR A 291 -18.44 -2.39 3.61
N ALA A 292 -19.21 -2.80 2.62
CA ALA A 292 -20.58 -3.25 2.87
C ALA A 292 -20.59 -4.52 3.72
N LEU A 293 -19.72 -5.47 3.41
CA LEU A 293 -19.68 -6.75 4.11
C LEU A 293 -19.24 -6.59 5.56
N THR A 294 -18.51 -5.52 5.85
CA THR A 294 -18.08 -5.24 7.22
C THR A 294 -18.85 -4.11 7.86
N GLN A 295 -19.98 -3.74 7.26
CA GLN A 295 -20.88 -2.72 7.79
C GLN A 295 -20.18 -1.39 8.06
N GLY A 296 -19.14 -1.10 7.29
CA GLY A 296 -18.42 0.15 7.46
C GLY A 296 -17.64 0.30 8.75
N ARG A 297 -17.54 -0.78 9.53
CA ARG A 297 -16.92 -0.71 10.85
C ARG A 297 -15.44 -1.10 10.83
N VAL A 298 -14.93 -1.46 9.65
CA VAL A 298 -13.55 -1.90 9.53
C VAL A 298 -12.83 -0.96 8.58
N PRO A 299 -11.87 -0.17 9.09
CA PRO A 299 -11.15 0.77 8.23
C PRO A 299 -10.51 0.13 7.02
N ILE A 300 -10.66 0.78 5.87
CA ILE A 300 -10.08 0.32 4.62
C ILE A 300 -9.09 1.34 4.09
N ILE A 301 -7.90 0.87 3.71
CA ILE A 301 -6.97 1.65 2.94
C ILE A 301 -7.12 1.22 1.49
N GLY A 302 -7.53 2.15 0.65
CA GLY A 302 -7.84 1.88 -0.74
C GLY A 302 -6.66 2.15 -1.66
N VAL A 303 -6.37 1.19 -2.52
CA VAL A 303 -5.19 1.32 -3.37
C VAL A 303 -5.43 0.60 -4.69
N GLY A 304 -4.96 1.22 -5.76
CA GLY A 304 -5.09 0.67 -7.10
C GLY A 304 -5.45 1.75 -8.09
N GLY A 305 -4.49 2.14 -8.92
CA GLY A 305 -4.73 3.04 -10.03
C GLY A 305 -5.04 4.50 -9.70
N VAL A 306 -4.66 4.97 -8.52
CA VAL A 306 -4.94 6.35 -8.13
C VAL A 306 -3.89 7.31 -8.68
N SER A 307 -4.31 8.31 -9.46
CA SER A 307 -3.40 9.37 -9.86
C SER A 307 -4.03 10.75 -9.89
N SER A 308 -5.26 10.88 -9.37
CA SER A 308 -5.95 12.16 -9.34
C SER A 308 -6.83 12.25 -8.11
N GLY A 309 -7.27 13.47 -7.79
CA GLY A 309 -8.20 13.68 -6.73
C GLY A 309 -9.48 12.88 -6.94
N GLN A 310 -9.95 12.81 -8.18
CA GLN A 310 -11.17 12.03 -8.46
C GLN A 310 -10.95 10.55 -8.12
N ASP A 311 -9.82 9.99 -8.53
CA ASP A 311 -9.53 8.59 -8.23
C ASP A 311 -9.56 8.36 -6.72
N ALA A 312 -8.94 9.28 -5.98
CA ALA A 312 -8.88 9.14 -4.53
C ALA A 312 -10.28 9.24 -3.92
N LEU A 313 -11.06 10.23 -4.37
CA LEU A 313 -12.36 10.46 -3.79
C LEU A 313 -13.32 9.32 -4.12
N GLU A 314 -13.18 8.71 -5.30
CA GLU A 314 -14.01 7.55 -5.60
C GLU A 314 -13.74 6.42 -4.61
N LYS A 315 -12.48 6.20 -4.28
CA LYS A 315 -12.17 5.14 -3.32
C LYS A 315 -12.66 5.50 -1.92
N ILE A 316 -12.50 6.76 -1.54
CA ILE A 316 -13.00 7.21 -0.23
C ILE A 316 -14.53 7.07 -0.15
N ARG A 317 -15.25 7.57 -1.16
CA ARG A 317 -16.72 7.45 -1.13
C ARG A 317 -17.18 5.99 -1.17
N ALA A 318 -16.38 5.11 -1.77
CA ALA A 318 -16.70 3.68 -1.80
C ALA A 318 -16.48 3.01 -0.45
N GLY A 319 -15.72 3.66 0.45
CA GLY A 319 -15.48 3.10 1.76
C GLY A 319 -14.08 3.24 2.33
N ALA A 320 -13.14 3.78 1.57
CA ALA A 320 -11.77 3.92 2.08
C ALA A 320 -11.60 5.11 3.02
N SER A 321 -10.93 4.89 4.14
CA SER A 321 -10.55 5.97 5.06
C SER A 321 -9.26 6.65 4.64
N LEU A 322 -8.40 5.89 3.95
CA LEU A 322 -7.13 6.36 3.43
C LEU A 322 -6.92 5.74 2.07
N VAL A 323 -6.04 6.34 1.28
CA VAL A 323 -5.68 5.75 0.00
C VAL A 323 -4.17 5.67 -0.13
N GLN A 324 -3.71 4.81 -1.03
CA GLN A 324 -2.31 4.77 -1.40
C GLN A 324 -2.15 4.79 -2.92
N LEU A 325 -0.94 5.13 -3.34
CA LEU A 325 -0.57 5.01 -4.75
C LEU A 325 0.87 4.58 -4.89
N TYR A 326 1.19 3.99 -6.03
CA TYR A 326 2.55 3.65 -6.38
C TYR A 326 2.76 3.90 -7.88
N THR A 327 2.04 3.19 -8.72
CA THR A 327 2.30 3.21 -10.15
C THR A 327 2.25 4.64 -10.73
N ALA A 328 1.36 5.47 -10.21
CA ALA A 328 1.26 6.85 -10.69
C ALA A 328 2.62 7.58 -10.55
N LEU A 329 3.37 7.23 -9.50
CA LEU A 329 4.68 7.83 -9.28
C LEU A 329 5.61 7.54 -10.43
N THR A 330 5.50 6.33 -10.94
CA THR A 330 6.42 5.86 -11.94
C THR A 330 6.15 6.60 -13.26
N PHE A 331 4.93 7.13 -13.43
CA PHE A 331 4.61 7.91 -14.64
C PHE A 331 4.67 9.43 -14.45
N TRP A 332 4.16 9.94 -13.33
CA TRP A 332 4.02 11.38 -13.10
C TRP A 332 5.18 11.94 -12.28
N GLY A 333 5.90 11.07 -11.58
CA GLY A 333 6.93 11.50 -10.66
C GLY A 333 6.36 12.13 -9.40
N PRO A 334 7.23 12.61 -8.50
CA PRO A 334 6.85 13.19 -7.21
C PRO A 334 5.72 14.21 -7.23
N PRO A 335 5.58 15.02 -8.30
CA PRO A 335 4.52 16.03 -8.24
C PRO A 335 3.10 15.43 -8.14
N VAL A 336 2.94 14.15 -8.44
CA VAL A 336 1.62 13.55 -8.40
C VAL A 336 1.02 13.59 -7.00
N VAL A 337 1.85 13.61 -5.97
CA VAL A 337 1.34 13.57 -4.60
C VAL A 337 0.59 14.86 -4.28
N GLY A 338 1.24 16.00 -4.53
CA GLY A 338 0.59 17.28 -4.34
C GLY A 338 -0.63 17.44 -5.23
N LYS A 339 -0.53 16.92 -6.45
CA LYS A 339 -1.64 16.98 -7.40
C LYS A 339 -2.89 16.30 -6.84
N VAL A 340 -2.74 15.07 -6.36
CA VAL A 340 -3.87 14.33 -5.83
C VAL A 340 -4.49 15.04 -4.62
N LYS A 341 -3.63 15.56 -3.74
CA LYS A 341 -4.11 16.25 -2.54
C LYS A 341 -4.86 17.52 -2.89
N ARG A 342 -4.31 18.32 -3.78
CA ARG A 342 -4.96 19.57 -4.19
C ARG A 342 -6.31 19.29 -4.85
N GLU A 343 -6.32 18.34 -5.77
CA GLU A 343 -7.54 17.97 -6.47
C GLU A 343 -8.58 17.37 -5.53
N LEU A 344 -8.13 16.59 -4.55
CA LEU A 344 -9.04 15.97 -3.59
C LEU A 344 -9.73 17.05 -2.72
N GLU A 345 -8.94 18.00 -2.23
CA GLU A 345 -9.49 19.10 -1.44
C GLU A 345 -10.56 19.85 -2.23
N ALA A 346 -10.26 20.17 -3.49
CA ALA A 346 -11.19 20.91 -4.34
C ALA A 346 -12.50 20.14 -4.55
N LEU A 347 -12.40 18.85 -4.81
CA LEU A 347 -13.60 18.02 -5.03
C LEU A 347 -14.45 17.89 -3.79
N LEU A 348 -13.81 17.71 -2.63
CA LEU A 348 -14.53 17.65 -1.37
C LEU A 348 -15.37 18.91 -1.18
N LYS A 349 -14.76 20.06 -1.45
CA LYS A 349 -15.48 21.33 -1.36
C LYS A 349 -16.64 21.38 -2.35
N GLU A 350 -16.36 21.00 -3.60
CA GLU A 350 -17.37 20.99 -4.65
C GLU A 350 -18.56 20.12 -4.32
N GLN A 351 -18.31 19.01 -3.64
CA GLN A 351 -19.38 18.04 -3.37
C GLN A 351 -20.01 18.22 -1.99
N GLY A 352 -19.62 19.29 -1.30
CA GLY A 352 -20.24 19.68 -0.04
C GLY A 352 -19.81 18.90 1.18
N PHE A 353 -18.65 18.25 1.09
CA PHE A 353 -18.08 17.56 2.24
C PHE A 353 -17.28 18.53 3.10
N GLY A 354 -17.44 18.45 4.42
CA GLY A 354 -16.66 19.28 5.32
C GLY A 354 -15.21 18.86 5.35
N GLY A 355 -14.96 17.61 5.01
CA GLY A 355 -13.60 17.10 4.94
C GLY A 355 -13.61 15.65 4.53
N VAL A 356 -12.42 15.05 4.48
CA VAL A 356 -12.31 13.65 4.06
C VAL A 356 -13.21 12.74 4.87
N THR A 357 -13.25 12.96 6.19
CA THR A 357 -13.96 12.05 7.08
C THR A 357 -15.45 11.93 6.72
N ASP A 358 -16.02 13.04 6.29
CA ASP A 358 -17.45 13.08 5.94
C ASP A 358 -17.75 12.29 4.67
N ALA A 359 -16.74 12.13 3.82
CA ALA A 359 -16.91 11.46 2.53
C ALA A 359 -16.71 9.95 2.62
N ILE A 360 -16.07 9.47 3.68
CA ILE A 360 -15.81 8.03 3.80
C ILE A 360 -17.10 7.22 3.77
N GLY A 361 -17.24 6.37 2.77
CA GLY A 361 -18.39 5.50 2.63
C GLY A 361 -19.65 6.22 2.17
N ALA A 362 -19.52 7.47 1.73
CA ALA A 362 -20.69 8.28 1.40
C ALA A 362 -21.58 7.68 0.32
N ASP A 363 -20.99 6.92 -0.61
CA ASP A 363 -21.80 6.31 -1.67
C ASP A 363 -22.83 5.33 -1.11
N HIS A 364 -22.55 4.78 0.07
CA HIS A 364 -23.41 3.77 0.65
C HIS A 364 -24.62 4.40 1.35
N ARG A 365 -24.51 5.70 1.60
CA ARG A 365 -25.53 6.47 2.30
C ARG A 365 -26.27 7.38 1.32
N1 FMN B . 2.32 -4.78 -2.45
C2 FMN B . 2.68 -5.42 -1.30
O2 FMN B . 1.84 -5.61 -0.42
N3 FMN B . 3.99 -5.81 -1.12
C4 FMN B . 4.96 -5.58 -2.06
O4 FMN B . 6.13 -5.95 -1.83
C4A FMN B . 4.59 -4.94 -3.25
N5 FMN B . 5.50 -4.72 -4.26
C5A FMN B . 5.13 -4.07 -5.42
C6 FMN B . 6.06 -3.81 -6.42
C7 FMN B . 5.69 -3.16 -7.58
C7M FMN B . 6.75 -2.91 -8.64
C8 FMN B . 4.37 -2.77 -7.75
C8M FMN B . 3.94 -2.05 -9.00
C9 FMN B . 3.44 -3.01 -6.76
C9A FMN B . 3.80 -3.67 -5.58
N10 FMN B . 2.87 -3.92 -4.59
C10 FMN B . 3.26 -4.56 -3.44
C1' FMN B . 1.43 -3.52 -4.77
C2' FMN B . 1.15 -2.08 -4.43
O2' FMN B . 1.38 -1.90 -3.05
C3' FMN B . -0.31 -1.75 -4.76
O3' FMN B . -1.12 -2.60 -3.96
C4' FMN B . -0.67 -1.95 -6.24
O4' FMN B . 0.45 -1.70 -7.07
C5' FMN B . -1.82 -1.06 -6.70
O5' FMN B . -1.54 0.30 -6.51
P FMN B . -1.07 1.23 -7.75
O1P FMN B . 0.37 0.90 -8.09
O2P FMN B . -1.15 2.65 -7.29
O3P FMN B . -2.00 0.94 -8.91
HN3 FMN B . 4.26 -6.29 -0.23
H6 FMN B . 7.09 -4.13 -6.29
HM71 FMN B . 6.29 -2.40 -9.49
HM72 FMN B . 7.16 -3.86 -8.96
HM73 FMN B . 7.54 -2.29 -8.22
HM81 FMN B . 2.87 -1.81 -8.94
HM82 FMN B . 4.11 -2.69 -9.87
HM83 FMN B . 4.51 -1.13 -9.11
H9 FMN B . 2.40 -2.69 -6.90
H1'1 FMN B . 0.82 -4.16 -4.12
H1'2 FMN B . 1.13 -3.71 -5.79
H2' FMN B . 1.81 -1.44 -5.01
HO2' FMN B . 0.54 -1.60 -2.62
H3' FMN B . -0.49 -0.71 -4.49
HO3' FMN B . -1.72 -3.11 -4.53
H4' FMN B . -0.98 -2.99 -6.37
HO4' FMN B . 0.22 -1.03 -7.74
H5'1 FMN B . -2.72 -1.32 -6.14
H5'2 FMN B . -2.01 -1.25 -7.76
N1 ORO C . 4.44 -7.75 -6.21
C2 ORO C . 3.05 -7.25 -6.11
O2 ORO C . 2.52 -6.77 -7.10
N3 ORO C . 2.50 -7.40 -4.87
C4 ORO C . 3.09 -7.96 -3.76
O4 ORO C . 2.52 -8.07 -2.68
C5 ORO C . 4.50 -8.44 -3.91
C6 ORO C . 5.06 -8.25 -5.19
C7 ORO C . 6.54 -8.84 -5.45
O71 ORO C . 7.33 -8.66 -4.55
O72 ORO C . 6.54 -9.44 -6.52
S SO4 D . 8.67 1.00 26.37
O1 SO4 D . 7.81 2.08 26.83
O2 SO4 D . 9.68 0.71 27.39
O3 SO4 D . 7.88 -0.20 26.12
O4 SO4 D . 9.35 1.40 25.14
S SO4 E . -0.06 -19.75 -6.84
O1 SO4 E . -0.66 -19.33 -5.57
O2 SO4 E . 0.68 -20.99 -6.64
O3 SO4 E . -1.11 -19.96 -7.82
O4 SO4 E . 0.85 -18.71 -7.31
C ACT F . 5.76 4.97 15.90
O ACT F . 4.78 5.17 16.66
OXT ACT F . 6.52 5.94 15.73
CH3 ACT F . 6.02 3.65 15.26
H1 ACT F . 5.24 2.94 15.55
H2 ACT F . 6.99 3.27 15.57
H3 ACT F . 6.01 3.76 14.17
C ACT G . 22.11 0.94 5.29
O ACT G . 21.19 1.20 6.08
OXT ACT G . 22.36 1.82 4.44
CH3 ACT G . 22.91 -0.32 5.37
H1 ACT G . 23.68 -0.32 4.59
H2 ACT G . 22.25 -1.17 5.22
H3 ACT G . 23.40 -0.39 6.34
N1 LDA H . -4.71 5.51 -19.46
O1 LDA H . -4.95 4.95 -20.57
CM1 LDA H . -3.60 6.59 -19.64
CM2 LDA H . -4.01 4.61 -18.61
C1 LDA H . -6.03 5.99 -18.60
C2 LDA H . -6.74 4.67 -18.22
C3 LDA H . -8.28 4.62 -17.94
C4 LDA H . -8.88 3.31 -18.69
C5 LDA H . -9.76 2.35 -17.90
C6 LDA H . -9.07 0.99 -17.63
C7 LDA H . -10.09 -0.10 -17.32
C8 LDA H . -9.49 -1.41 -16.77
C9 LDA H . -10.12 -2.70 -17.23
C10 LDA H . -11.62 -2.73 -17.46
C11 LDA H . -12.41 -2.31 -16.27
C12 LDA H . -13.86 -2.60 -16.51
HM11 LDA H . -3.36 6.96 -18.65
HM12 LDA H . -4.00 7.40 -20.26
HM13 LDA H . -2.69 6.20 -20.11
HM21 LDA H . -3.05 4.40 -19.08
HM22 LDA H . -4.57 3.69 -18.38
HM23 LDA H . -3.82 5.13 -17.67
H11 LDA H . -6.61 6.68 -19.24
H12 LDA H . -5.67 6.59 -17.74
H21 LDA H . -6.20 4.29 -17.34
H22 LDA H . -6.49 3.96 -19.01
H31 LDA H . -8.75 5.53 -18.32
H32 LDA H . -8.45 4.57 -16.87
H41 LDA H . -8.05 2.75 -19.10
H42 LDA H . -9.46 3.66 -19.54
H51 LDA H . -10.68 2.18 -18.45
H52 LDA H . -10.03 2.80 -16.96
H61 LDA H . -8.38 1.09 -16.79
H62 LDA H . -8.48 0.70 -18.50
H71 LDA H . -10.81 0.28 -16.59
H72 LDA H . -10.65 -0.32 -18.22
H81 LDA H . -9.48 -1.40 -15.69
H82 LDA H . -8.44 -1.41 -17.09
H91 LDA H . -9.93 -3.46 -16.46
H92 LDA H . -9.60 -3.05 -18.12
H101 LDA H . -11.89 -2.06 -18.29
H102 LDA H . -11.95 -3.73 -17.75
H111 LDA H . -12.29 -1.25 -16.05
H112 LDA H . -12.07 -2.88 -15.40
H121 LDA H . -14.10 -3.67 -16.60
H122 LDA H . -14.28 -2.11 -17.42
H123 LDA H . -14.51 -2.24 -15.70
C13 BVO I . 10.01 7.39 -10.56
C15 BVO I . 11.68 9.03 -9.79
C17 BVO I . 12.16 7.49 -11.66
C20 BVO I . 12.73 11.25 -9.42
C21 BVO I . 13.17 12.28 -8.59
C22 BVO I . 12.99 12.13 -7.23
C24 BVO I . 11.95 9.96 -7.54
C28 BVO I . 8.61 0.53 -12.19
C1 BVO I . 9.32 2.46 -10.92
C2 BVO I . 9.08 1.86 -12.17
C3 BVO I . 9.33 2.62 -13.44
O4 BVO I . 9.13 2.08 -14.52
C5 BVO I . 9.83 3.99 -13.37
C6 BVO I . 10.06 4.62 -12.13
C7 BVO I . 9.83 3.88 -10.85
O8 BVO I . 10.04 4.44 -9.77
N9 BVO I . 10.52 5.90 -12.43
N10 BVO I . 10.55 6.03 -13.82
N11 BVO I . 10.14 4.95 -14.37
C12 BVO I . 10.90 6.93 -11.53
C14 BVO I . 10.41 8.42 -9.72
C16 BVO I . 12.52 8.51 -10.79
F18 BVO I . 13.74 9.02 -10.95
C19 BVO I . 12.12 10.10 -8.91
C23 BVO I . 12.39 10.97 -6.71
C25 BVO I . 13.82 13.54 -9.16
O26 BVO I . 13.24 14.68 -8.58
F27 BVO I . 9.55 8.84 -8.78
C29 BVO I . 8.36 -0.20 -11.03
C30 BVO I . 8.60 0.39 -9.81
C31 BVO I . 9.07 1.70 -9.75
H131 BVO I . 9.01 6.95 -10.46
H171 BVO I . 12.87 7.16 -12.42
H201 BVO I . 12.85 11.32 -10.50
H221 BVO I . 13.31 12.90 -6.53
H241 BVO I . 11.49 9.07 -7.11
H281 BVO I . 8.40 -0.01 -13.12
H231 BVO I . 12.25 10.87 -5.61
H251 BVO I . 13.76 13.59 -10.28
H252 BVO I . 14.93 13.55 -9.00
H261 BVO I . 13.94 15.18 -8.15
H291 BVO I . 7.99 -1.25 -11.06
H301 BVO I . 8.40 -0.20 -8.88
H311 BVO I . 9.22 2.11 -8.75
#